data_2NR7
#
_entry.id   2NR7
#
_cell.length_a   94.537
_cell.length_b   36.386
_cell.length_c   62.474
_cell.angle_alpha   90.00
_cell.angle_beta   119.75
_cell.angle_gamma   90.00
#
_symmetry.space_group_name_H-M   'C 1 2 1'
#
loop_
_entity.id
_entity.type
_entity.pdbx_description
1 polymer 'Secretion activator protein, putative'
2 water water
#
_entity_poly.entity_id   1
_entity_poly.type   'polypeptide(L)'
_entity_poly.pdbx_seq_one_letter_code
;SNA(MSE)ANVKLLLPYILKWEGGFVHDPADAGGATNKGVTIATWKRVGYDKDGDGDIDVEDLKLLTDDDVLNRVLKPFY
WDRWKADLIESQKVANILVDWVWGSGKYGIVIPQRILGVQADGIVGNKTLQAVNSADPDELFESIFDARREFLEDITARS
IKKYEDSIGRKATERELLRHTNKRFLRGWLNRLEDIRKL
;
_entity_poly.pdbx_strand_id   A
#
# COMPACT_ATOMS: atom_id res chain seq x y z
N ASN A 2 9.33 -24.83 -1.98
CA ASN A 2 8.63 -24.53 -0.70
C ASN A 2 9.11 -23.21 -0.09
N ALA A 3 9.68 -22.36 -0.94
CA ALA A 3 10.14 -21.03 -0.54
C ALA A 3 8.95 -20.15 -0.15
N ALA A 5 7.43 -16.19 0.96
CA ALA A 5 7.68 -14.75 0.86
C ALA A 5 8.47 -14.21 2.08
N ASN A 6 9.25 -13.16 1.85
CA ASN A 6 10.17 -12.59 2.83
C ASN A 6 9.89 -11.11 3.00
N VAL A 7 9.50 -10.69 4.20
CA VAL A 7 9.19 -9.27 4.46
C VAL A 7 10.38 -8.37 4.12
N LYS A 8 11.60 -8.90 4.26
CA LYS A 8 12.80 -8.07 4.02
C LYS A 8 12.88 -7.53 2.61
N LEU A 9 12.24 -8.23 1.67
CA LEU A 9 12.26 -7.82 0.27
C LEU A 9 11.26 -6.72 -0.03
N LEU A 10 10.23 -6.59 0.80
CA LEU A 10 9.27 -5.51 0.66
C LEU A 10 9.77 -4.23 1.32
N LEU A 11 10.51 -4.36 2.43
CA LEU A 11 10.96 -3.19 3.20
C LEU A 11 11.57 -2.05 2.37
N PRO A 12 12.54 -2.35 1.46
CA PRO A 12 13.18 -1.24 0.73
C PRO A 12 12.19 -0.38 -0.06
N TYR A 13 11.15 -1.03 -0.59
CA TYR A 13 10.13 -0.34 -1.38
C TYR A 13 9.29 0.60 -0.49
N ILE A 14 8.85 0.09 0.66
CA ILE A 14 8.14 0.92 1.62
C ILE A 14 9.02 2.12 2.03
N LEU A 15 10.27 1.86 2.41
CA LEU A 15 11.16 2.94 2.87
C LEU A 15 11.41 3.97 1.75
N LYS A 16 11.65 3.47 0.53
CA LYS A 16 11.90 4.33 -0.63
C LYS A 16 10.82 5.40 -0.77
N TRP A 17 9.56 4.96 -0.79
CA TRP A 17 8.47 5.88 -1.09
C TRP A 17 7.97 6.67 0.11
N GLU A 18 8.02 6.09 1.30
CA GLU A 18 7.60 6.84 2.50
C GLU A 18 8.56 7.94 2.86
N GLY A 19 9.85 7.70 2.62
CA GLY A 19 10.91 8.63 3.02
C GLY A 19 11.32 9.59 1.93
N GLY A 20 11.37 9.11 0.70
CA GLY A 20 11.89 9.90 -0.42
C GLY A 20 13.39 10.14 -0.39
N PHE A 21 14.09 9.35 0.42
CA PHE A 21 15.53 9.51 0.58
C PHE A 21 16.31 8.69 -0.43
N VAL A 22 17.46 9.24 -0.82
CA VAL A 22 18.51 8.43 -1.44
C VAL A 22 19.81 8.80 -0.75
N HIS A 23 20.76 7.87 -0.76
CA HIS A 23 22.04 8.09 -0.10
C HIS A 23 23.17 8.06 -1.09
N ASP A 24 24.05 9.04 -0.99
CA ASP A 24 25.33 9.03 -1.69
C ASP A 24 26.11 7.81 -1.17
N PRO A 25 26.98 7.22 -2.00
CA PRO A 25 27.82 6.16 -1.43
C PRO A 25 28.82 6.75 -0.42
N ALA A 26 29.41 5.88 0.41
CA ALA A 26 30.29 6.29 1.51
C ALA A 26 31.44 7.26 1.18
N ASP A 27 32.15 7.04 0.07
CA ASP A 27 33.34 7.87 -0.26
C ASP A 27 32.99 9.27 -0.78
N ALA A 28 31.69 9.54 -0.99
CA ALA A 28 31.23 10.86 -1.38
C ALA A 28 30.73 11.63 -0.17
N GLY A 29 30.85 11.00 0.99
CA GLY A 29 30.37 11.60 2.22
C GLY A 29 29.10 10.95 2.71
N GLY A 30 28.53 10.03 1.93
CA GLY A 30 27.31 9.30 2.33
C GLY A 30 26.08 10.14 2.67
N ALA A 31 25.99 11.34 2.12
CA ALA A 31 24.88 12.23 2.44
C ALA A 31 23.54 11.62 2.04
N THR A 32 22.57 11.77 2.94
CA THR A 32 21.19 11.45 2.67
C THR A 32 20.55 12.66 2.00
N ASN A 33 19.94 12.43 0.85
CA ASN A 33 19.30 13.48 0.07
C ASN A 33 17.80 13.17 -0.06
N LYS A 34 16.96 14.20 0.07
CA LYS A 34 15.51 13.98 0.04
C LYS A 34 14.93 14.49 -1.26
N GLY A 35 14.08 13.67 -1.88
CA GLY A 35 13.45 14.07 -3.14
C GLY A 35 12.01 13.63 -3.20
N VAL A 36 11.62 13.08 -4.33
CA VAL A 36 10.24 12.66 -4.55
C VAL A 36 9.79 11.67 -3.49
N THR A 37 8.69 12.00 -2.82
CA THR A 37 8.13 11.19 -1.73
C THR A 37 6.68 10.87 -2.07
N ILE A 38 6.27 9.60 -1.93
CA ILE A 38 4.87 9.22 -2.12
C ILE A 38 4.52 8.38 -0.90
N ALA A 39 4.30 9.07 0.22
CA ALA A 39 4.01 8.42 1.49
C ALA A 39 2.54 7.98 1.49
N THR A 40 2.27 6.69 1.72
CA THR A 40 0.90 6.18 1.68
C THR A 40 0.41 5.61 3.01
N TRP A 41 1.27 5.53 4.03
CA TRP A 41 0.91 4.84 5.27
C TRP A 41 -0.34 5.47 5.88
N LYS A 42 -1.42 4.70 5.92
CA LYS A 42 -2.72 5.15 6.46
C LYS A 42 -3.33 6.32 5.69
N ARG A 43 -2.93 6.51 4.44
CA ARG A 43 -3.30 7.71 3.69
C ARG A 43 -4.22 7.49 2.50
N VAL A 44 -4.47 6.23 2.12
CA VAL A 44 -5.08 5.96 0.81
C VAL A 44 -6.45 5.34 0.99
N GLY A 45 -7.42 6.19 1.30
CA GLY A 45 -8.76 5.69 1.63
C GLY A 45 -8.74 4.70 2.77
N TYR A 46 -7.91 4.95 3.77
CA TYR A 46 -7.59 3.96 4.78
C TYR A 46 -8.75 3.65 5.72
N ASP A 47 -9.05 2.38 5.91
CA ASP A 47 -9.99 1.94 6.93
C ASP A 47 -9.16 1.32 8.04
N LYS A 48 -9.17 1.96 9.21
CA LYS A 48 -8.31 1.56 10.32
C LYS A 48 -8.82 0.37 11.11
N ASP A 49 -10.02 -0.11 10.79
CA ASP A 49 -10.60 -1.19 11.57
C ASP A 49 -9.68 -2.40 11.61
N GLY A 50 -9.38 -2.85 12.83
CA GLY A 50 -8.55 -4.03 13.05
C GLY A 50 -7.07 -3.85 12.79
N ASP A 51 -6.59 -2.60 12.67
CA ASP A 51 -5.18 -2.36 12.35
C ASP A 51 -4.20 -2.38 13.54
N GLY A 52 -4.71 -2.57 14.75
CA GLY A 52 -3.84 -2.61 15.93
C GLY A 52 -3.41 -1.26 16.48
N ASP A 53 -3.83 -0.17 15.84
CA ASP A 53 -3.51 1.18 16.32
C ASP A 53 -1.99 1.41 16.44
N ILE A 54 -1.19 0.87 15.52
CA ILE A 54 0.22 1.20 15.49
C ILE A 54 0.39 2.56 14.87
N ASP A 55 1.10 3.42 15.60
CA ASP A 55 1.42 4.72 15.07
C ASP A 55 2.78 5.12 15.58
N VAL A 56 3.46 5.92 14.78
CA VAL A 56 4.67 6.57 15.21
C VAL A 56 4.51 8.03 14.75
N GLU A 57 5.23 8.93 15.38
CA GLU A 57 5.16 10.34 15.03
C GLU A 57 5.61 10.57 13.58
N ASP A 58 6.73 9.94 13.23
CA ASP A 58 7.33 10.08 11.91
C ASP A 58 8.22 8.88 11.60
N LEU A 59 7.78 8.05 10.66
CA LEU A 59 8.56 6.89 10.25
C LEU A 59 9.98 7.26 9.81
N LYS A 60 10.15 8.47 9.26
CA LYS A 60 11.43 8.90 8.73
C LYS A 60 12.50 9.06 9.81
N LEU A 61 12.06 9.14 11.06
CA LEU A 61 12.96 9.31 12.19
C LEU A 61 13.37 7.99 12.86
N LEU A 62 12.86 6.87 12.35
CA LEU A 62 13.24 5.54 12.85
C LEU A 62 14.31 4.89 11.99
N THR A 63 15.06 3.94 12.57
CA THR A 63 15.97 3.09 11.81
C THR A 63 15.16 2.15 10.91
N ASP A 64 15.79 1.65 9.85
CA ASP A 64 15.16 0.65 8.98
C ASP A 64 14.68 -0.56 9.79
N ASP A 65 15.54 -1.05 10.67
CA ASP A 65 15.22 -2.21 11.50
C ASP A 65 13.98 -1.95 12.36
N ASP A 66 13.86 -0.77 12.96
CA ASP A 66 12.68 -0.45 13.76
C ASP A 66 11.42 -0.35 12.90
N VAL A 67 11.53 0.23 11.71
CA VAL A 67 10.38 0.24 10.82
C VAL A 67 9.96 -1.21 10.51
N LEU A 68 10.93 -2.07 10.20
CA LEU A 68 10.65 -3.46 9.86
C LEU A 68 10.05 -4.24 11.03
N ASN A 69 10.79 -4.26 12.15
CA ASN A 69 10.44 -5.13 13.26
C ASN A 69 9.29 -4.64 14.11
N ARG A 70 9.10 -3.32 14.17
CA ARG A 70 8.09 -2.78 15.10
C ARG A 70 6.82 -2.26 14.42
N VAL A 71 6.87 -2.07 13.10
CA VAL A 71 5.72 -1.52 12.38
C VAL A 71 5.31 -2.44 11.23
N LEU A 72 6.16 -2.51 10.20
CA LEU A 72 5.77 -3.21 8.97
C LEU A 72 5.48 -4.70 9.17
N LYS A 73 6.41 -5.44 9.78
CA LYS A 73 6.16 -6.87 9.87
C LYS A 73 5.01 -7.23 10.81
N PRO A 74 5.05 -6.80 12.09
CA PRO A 74 3.97 -7.24 12.99
C PRO A 74 2.56 -6.79 12.62
N PHE A 75 2.42 -5.58 12.09
CA PHE A 75 1.09 -5.02 11.93
C PHE A 75 0.54 -5.07 10.51
N TYR A 76 1.40 -5.34 9.53
CA TYR A 76 0.98 -5.29 8.13
C TYR A 76 1.28 -6.61 7.42
N TRP A 77 2.54 -6.99 7.38
CA TRP A 77 2.95 -8.22 6.72
C TRP A 77 2.27 -9.41 7.42
N ASP A 78 2.38 -9.47 8.73
CA ASP A 78 1.82 -10.59 9.48
C ASP A 78 0.29 -10.57 9.48
N ARG A 79 -0.31 -9.41 9.20
CA ARG A 79 -1.77 -9.33 9.14
C ARG A 79 -2.28 -10.16 7.96
N TRP A 80 -1.47 -10.21 6.89
CA TRP A 80 -1.75 -11.07 5.72
C TRP A 80 -1.19 -12.48 5.89
N LYS A 81 -0.66 -12.79 7.08
CA LYS A 81 0.06 -14.04 7.34
C LYS A 81 1.01 -14.32 6.20
N ALA A 82 1.71 -13.25 5.77
CA ALA A 82 2.46 -13.30 4.52
C ALA A 82 3.68 -14.20 4.58
N ASP A 83 4.11 -14.57 5.79
CA ASP A 83 5.15 -15.58 5.94
C ASP A 83 4.71 -16.92 5.35
N LEU A 84 3.40 -17.11 5.18
CA LEU A 84 2.85 -18.34 4.59
C LEU A 84 2.46 -18.17 3.11
N ILE A 85 2.69 -16.98 2.54
CA ILE A 85 2.37 -16.77 1.13
C ILE A 85 3.61 -17.16 0.35
N GLU A 86 3.44 -18.05 -0.63
CA GLU A 86 4.59 -18.61 -1.31
C GLU A 86 5.15 -17.74 -2.44
N SER A 87 4.34 -16.82 -2.94
CA SER A 87 4.75 -15.89 -4.01
C SER A 87 5.11 -14.54 -3.40
N GLN A 88 6.38 -14.15 -3.55
CA GLN A 88 6.86 -12.86 -3.06
C GLN A 88 6.03 -11.71 -3.62
N LYS A 89 5.79 -11.68 -4.93
CA LYS A 89 5.10 -10.54 -5.52
C LYS A 89 3.66 -10.44 -5.05
N VAL A 90 3.00 -11.58 -4.87
CA VAL A 90 1.66 -11.57 -4.32
C VAL A 90 1.65 -10.99 -2.90
N ALA A 91 2.56 -11.48 -2.06
CA ALA A 91 2.66 -10.93 -0.72
C ALA A 91 2.94 -9.42 -0.74
N ASN A 92 3.86 -8.99 -1.62
CA ASN A 92 4.24 -7.57 -1.68
C ASN A 92 3.02 -6.70 -1.97
N ILE A 93 2.25 -7.09 -2.97
CA ILE A 93 1.14 -6.23 -3.40
C ILE A 93 -0.03 -6.24 -2.40
N LEU A 94 -0.25 -7.37 -1.74
CA LEU A 94 -1.30 -7.45 -0.72
C LEU A 94 -0.93 -6.64 0.52
N VAL A 95 0.28 -6.86 1.02
CA VAL A 95 0.72 -6.17 2.23
C VAL A 95 0.80 -4.67 2.01
N ASP A 96 1.33 -4.26 0.86
CA ASP A 96 1.35 -2.83 0.54
C ASP A 96 -0.06 -2.22 0.46
N TRP A 97 -1.04 -2.99 0.01
CA TRP A 97 -2.40 -2.48 -0.03
C TRP A 97 -2.91 -2.18 1.38
N VAL A 98 -2.65 -3.11 2.31
CA VAL A 98 -3.04 -2.88 3.70
C VAL A 98 -2.29 -1.69 4.33
N TRP A 99 -1.01 -1.55 3.99
CA TRP A 99 -0.19 -0.40 4.44
C TRP A 99 -0.86 0.92 4.07
N GLY A 100 -1.32 1.04 2.83
CA GLY A 100 -1.96 2.27 2.38
C GLY A 100 -3.42 2.42 2.74
N SER A 101 -4.18 1.33 2.71
CA SER A 101 -5.64 1.38 2.71
C SER A 101 -6.32 0.56 3.80
N GLY A 102 -5.53 -0.17 4.59
CA GLY A 102 -6.09 -0.83 5.76
C GLY A 102 -6.96 -2.02 5.36
N LYS A 103 -8.15 -2.09 5.96
CA LYS A 103 -9.04 -3.25 5.79
C LYS A 103 -9.42 -3.49 4.33
N TYR A 104 -9.45 -2.44 3.50
CA TYR A 104 -9.72 -2.65 2.07
C TYR A 104 -8.74 -3.60 1.39
N GLY A 105 -7.49 -3.60 1.87
CA GLY A 105 -6.44 -4.47 1.33
C GLY A 105 -6.55 -5.93 1.74
N ILE A 106 -7.55 -6.21 2.59
CA ILE A 106 -7.98 -7.58 2.86
C ILE A 106 -9.32 -7.92 2.23
N VAL A 107 -10.32 -7.08 2.45
CA VAL A 107 -11.66 -7.44 1.97
C VAL A 107 -11.81 -7.48 0.45
N ILE A 108 -11.12 -6.60 -0.27
CA ILE A 108 -11.23 -6.60 -1.73
C ILE A 108 -10.52 -7.84 -2.29
N PRO A 109 -9.27 -8.11 -1.87
CA PRO A 109 -8.68 -9.41 -2.26
C PRO A 109 -9.53 -10.63 -1.89
N GLN A 110 -10.19 -10.63 -0.74
CA GLN A 110 -11.06 -11.75 -0.41
C GLN A 110 -12.18 -11.94 -1.44
N ARG A 111 -12.74 -10.83 -1.92
CA ARG A 111 -13.76 -10.87 -2.98
C ARG A 111 -13.16 -11.46 -4.26
N ILE A 112 -11.97 -11.00 -4.64
CA ILE A 112 -11.25 -11.51 -5.82
C ILE A 112 -11.04 -13.03 -5.73
N LEU A 113 -10.69 -13.48 -4.54
CA LEU A 113 -10.40 -14.89 -4.28
C LEU A 113 -11.65 -15.75 -4.14
N GLY A 114 -12.81 -15.13 -3.98
CA GLY A 114 -14.09 -15.85 -3.84
C GLY A 114 -14.26 -16.47 -2.45
N VAL A 115 -13.69 -15.83 -1.44
CA VAL A 115 -13.88 -16.27 -0.04
C VAL A 115 -14.67 -15.20 0.71
N GLN A 116 -15.22 -15.57 1.87
CA GLN A 116 -16.00 -14.60 2.67
C GLN A 116 -15.16 -13.36 2.95
N ALA A 117 -15.69 -12.18 2.62
CA ALA A 117 -14.97 -10.91 2.76
C ALA A 117 -15.13 -10.35 4.17
N ASP A 118 -14.59 -11.07 5.15
CA ASP A 118 -14.74 -10.74 6.55
C ASP A 118 -13.59 -9.92 7.14
N GLY A 119 -12.57 -9.62 6.33
CA GLY A 119 -11.40 -8.83 6.75
C GLY A 119 -10.41 -9.55 7.67
N ILE A 120 -10.56 -10.86 7.80
CA ILE A 120 -9.64 -11.65 8.63
C ILE A 120 -8.98 -12.69 7.75
N VAL A 121 -7.66 -12.66 7.70
CA VAL A 121 -6.94 -13.60 6.85
C VAL A 121 -6.78 -14.90 7.62
N GLY A 122 -7.74 -15.80 7.40
CA GLY A 122 -7.67 -17.12 8.02
C GLY A 122 -7.15 -18.16 7.04
N ASN A 123 -7.18 -19.43 7.44
CA ASN A 123 -6.68 -20.51 6.60
C ASN A 123 -7.35 -20.51 5.23
N LYS A 124 -8.66 -20.32 5.17
CA LYS A 124 -9.35 -20.42 3.88
C LYS A 124 -8.86 -19.33 2.90
N THR A 125 -8.64 -18.13 3.43
CA THR A 125 -8.09 -17.04 2.61
C THR A 125 -6.66 -17.36 2.13
N LEU A 126 -5.79 -17.83 3.03
CA LEU A 126 -4.43 -18.18 2.64
C LEU A 126 -4.39 -19.31 1.62
N GLN A 127 -5.25 -20.31 1.80
CA GLN A 127 -5.33 -21.45 0.89
C GLN A 127 -5.67 -20.92 -0.49
N ALA A 128 -6.60 -19.97 -0.56
CA ALA A 128 -7.06 -19.45 -1.82
C ALA A 128 -5.94 -18.67 -2.49
N VAL A 129 -5.20 -17.88 -1.70
CA VAL A 129 -4.06 -17.12 -2.24
C VAL A 129 -3.05 -18.07 -2.88
N ASN A 130 -2.65 -19.11 -2.15
CA ASN A 130 -1.61 -19.99 -2.65
C ASN A 130 -2.07 -20.95 -3.74
N SER A 131 -3.37 -21.25 -3.79
CA SER A 131 -3.90 -22.15 -4.82
C SER A 131 -3.89 -21.46 -6.17
N ALA A 132 -4.10 -20.14 -6.19
CA ALA A 132 -4.14 -19.37 -7.42
C ALA A 132 -2.81 -19.42 -8.14
N ASP A 133 -2.83 -19.25 -9.47
CA ASP A 133 -1.60 -18.98 -10.21
C ASP A 133 -1.03 -17.64 -9.73
N PRO A 134 0.22 -17.61 -9.27
CA PRO A 134 0.76 -16.34 -8.74
C PRO A 134 0.73 -15.16 -9.72
N ASP A 135 1.09 -15.39 -10.98
CA ASP A 135 1.10 -14.31 -11.96
C ASP A 135 -0.32 -13.79 -12.22
N GLU A 136 -1.27 -14.70 -12.42
CA GLU A 136 -2.66 -14.30 -12.62
C GLU A 136 -3.20 -13.53 -11.43
N LEU A 137 -2.97 -14.05 -10.24
CA LEU A 137 -3.46 -13.40 -9.05
C LEU A 137 -2.82 -12.03 -8.85
N PHE A 138 -1.50 -11.91 -9.05
CA PHE A 138 -0.85 -10.61 -8.96
C PHE A 138 -1.51 -9.62 -9.92
N GLU A 139 -1.77 -10.04 -11.16
CA GLU A 139 -2.37 -9.10 -12.13
C GLU A 139 -3.80 -8.72 -11.75
N SER A 140 -4.56 -9.66 -11.21
CA SER A 140 -5.92 -9.37 -10.79
C SER A 140 -5.89 -8.41 -9.60
N ILE A 141 -4.97 -8.60 -8.67
CA ILE A 141 -4.86 -7.64 -7.58
C ILE A 141 -4.45 -6.26 -8.10
N PHE A 142 -3.50 -6.24 -9.05
CA PHE A 142 -3.03 -4.98 -9.61
C PHE A 142 -4.18 -4.26 -10.30
N ASP A 143 -5.01 -4.97 -11.06
CA ASP A 143 -6.21 -4.38 -11.68
C ASP A 143 -7.08 -3.74 -10.63
N ALA A 144 -7.33 -4.47 -9.54
CA ALA A 144 -8.23 -4.02 -8.49
C ALA A 144 -7.67 -2.82 -7.71
N ARG A 145 -6.33 -2.79 -7.58
CA ARG A 145 -5.68 -1.66 -6.90
C ARG A 145 -5.75 -0.40 -7.75
N ARG A 146 -5.56 -0.51 -9.06
CA ARG A 146 -5.84 0.61 -9.96
C ARG A 146 -7.29 1.07 -9.82
N GLU A 147 -8.23 0.12 -9.85
CA GLU A 147 -9.65 0.43 -9.71
C GLU A 147 -9.95 1.18 -8.43
N PHE A 148 -9.35 0.70 -7.33
CA PHE A 148 -9.54 1.31 -6.02
C PHE A 148 -9.04 2.76 -6.00
N LEU A 149 -7.83 2.98 -6.51
CA LEU A 149 -7.26 4.35 -6.51
C LEU A 149 -8.12 5.28 -7.35
N GLU A 150 -8.56 4.80 -8.51
CA GLU A 150 -9.43 5.59 -9.37
C GLU A 150 -10.78 5.85 -8.71
N ASP A 151 -11.33 4.83 -8.04
CA ASP A 151 -12.62 4.96 -7.41
C ASP A 151 -12.61 5.94 -6.24
N ILE A 152 -11.59 5.87 -5.38
CA ILE A 152 -11.58 6.83 -4.26
C ILE A 152 -11.29 8.26 -4.73
N THR A 153 -10.61 8.38 -5.87
CA THR A 153 -10.37 9.69 -6.47
C THR A 153 -11.65 10.23 -7.07
N ALA A 154 -12.35 9.43 -7.86
CA ALA A 154 -13.62 9.85 -8.47
C ALA A 154 -14.62 10.25 -7.37
N ARG A 155 -14.68 9.47 -6.30
CA ARG A 155 -15.62 9.76 -5.22
C ARG A 155 -15.28 11.04 -4.45
N SER A 156 -13.99 11.29 -4.28
CA SER A 156 -13.49 12.49 -3.64
C SER A 156 -13.87 13.72 -4.46
N ILE A 157 -13.66 13.63 -5.78
CA ILE A 157 -14.01 14.69 -6.70
C ILE A 157 -15.52 14.95 -6.67
N LYS A 158 -16.32 13.88 -6.70
CA LYS A 158 -17.78 14.00 -6.65
C LYS A 158 -18.24 14.69 -5.36
N LYS A 159 -17.70 14.25 -4.22
CA LYS A 159 -18.06 14.83 -2.91
C LYS A 159 -17.83 16.35 -2.92
N TYR A 160 -16.69 16.76 -3.46
CA TYR A 160 -16.31 18.16 -3.53
C TYR A 160 -17.20 18.97 -4.47
N GLU A 161 -17.43 18.44 -5.66
CA GLU A 161 -18.26 19.12 -6.64
C GLU A 161 -19.71 19.23 -6.19
N ASP A 162 -20.20 18.19 -5.51
CA ASP A 162 -21.54 18.24 -4.89
C ASP A 162 -21.59 19.37 -3.87
N SER A 163 -20.51 19.50 -3.10
CA SER A 163 -20.45 20.50 -2.04
C SER A 163 -20.41 21.94 -2.57
N ILE A 164 -19.62 22.20 -3.61
CA ILE A 164 -19.52 23.56 -4.16
C ILE A 164 -20.64 23.89 -5.15
N GLY A 165 -21.42 22.87 -5.51
CA GLY A 165 -22.58 23.05 -6.36
C GLY A 165 -22.29 23.32 -7.83
N ARG A 166 -21.08 22.97 -8.27
CA ARG A 166 -20.70 23.17 -9.68
C ARG A 166 -19.47 22.31 -10.04
N LYS A 167 -19.10 22.30 -11.33
CA LYS A 167 -17.85 21.68 -11.76
C LYS A 167 -16.68 22.45 -11.17
N ALA A 168 -15.70 21.71 -10.66
CA ALA A 168 -14.49 22.30 -10.11
C ALA A 168 -13.48 22.61 -11.21
N THR A 169 -12.63 23.61 -10.97
CA THR A 169 -11.49 23.83 -11.84
C THR A 169 -10.42 22.80 -11.50
N GLU A 170 -9.46 22.63 -12.41
CA GLU A 170 -8.32 21.73 -12.12
C GLU A 170 -7.58 22.18 -10.87
N ARG A 171 -7.35 23.48 -10.71
CA ARG A 171 -6.69 23.98 -9.52
C ARG A 171 -7.44 23.58 -8.24
N GLU A 172 -8.76 23.73 -8.26
CA GLU A 172 -9.59 23.35 -7.12
C GLU A 172 -9.45 21.86 -6.83
N LEU A 173 -9.50 21.04 -7.88
CA LEU A 173 -9.40 19.60 -7.66
C LEU A 173 -8.05 19.21 -7.04
N LEU A 174 -6.98 19.89 -7.44
CA LEU A 174 -5.67 19.55 -6.88
C LEU A 174 -5.51 20.07 -5.44
N ARG A 175 -6.23 21.14 -5.10
CA ARG A 175 -6.19 21.65 -3.72
C ARG A 175 -7.05 20.84 -2.75
N HIS A 176 -8.20 20.34 -3.22
CA HIS A 176 -9.25 19.92 -2.31
C HIS A 176 -9.63 18.46 -2.38
N THR A 177 -9.07 17.70 -3.32
CA THR A 177 -9.50 16.33 -3.54
C THR A 177 -8.33 15.37 -3.68
N ASN A 178 -8.67 14.08 -3.76
CA ASN A 178 -7.67 13.05 -4.00
C ASN A 178 -6.99 13.15 -5.36
N LYS A 179 -7.52 13.98 -6.27
CA LYS A 179 -6.83 14.18 -7.54
C LYS A 179 -5.40 14.64 -7.29
N ARG A 180 -5.21 15.38 -6.19
CA ARG A 180 -3.89 15.82 -5.74
C ARG A 180 -2.86 14.68 -5.72
N PHE A 181 -3.31 13.49 -5.31
CA PHE A 181 -2.42 12.37 -5.02
C PHE A 181 -2.40 11.27 -6.07
N LEU A 182 -3.36 11.29 -7.00
CA LEU A 182 -3.55 10.12 -7.86
C LEU A 182 -2.32 9.74 -8.70
N ARG A 183 -1.69 10.72 -9.32
CA ARG A 183 -0.51 10.44 -10.13
C ARG A 183 0.52 9.68 -9.31
N GLY A 184 0.84 10.21 -8.13
CA GLY A 184 1.83 9.55 -7.28
C GLY A 184 1.40 8.18 -6.85
N TRP A 185 0.14 8.03 -6.46
CA TRP A 185 -0.35 6.72 -6.04
C TRP A 185 -0.20 5.66 -7.14
N LEU A 186 -0.53 6.06 -8.36
CA LEU A 186 -0.46 5.13 -9.50
C LEU A 186 1.00 4.85 -9.86
N ASN A 187 1.85 5.88 -9.81
CA ASN A 187 3.26 5.69 -10.13
C ASN A 187 3.93 4.80 -9.09
N ARG A 188 3.60 5.00 -7.83
CA ARG A 188 4.16 4.15 -6.77
C ARG A 188 3.69 2.71 -6.98
N LEU A 189 2.41 2.53 -7.30
CA LEU A 189 1.91 1.18 -7.57
C LEU A 189 2.63 0.51 -8.73
N GLU A 190 2.83 1.24 -9.83
CA GLU A 190 3.56 0.66 -10.96
C GLU A 190 4.96 0.19 -10.55
N ASP A 191 5.59 0.93 -9.64
CA ASP A 191 6.93 0.59 -9.19
C ASP A 191 6.97 -0.73 -8.44
N ILE A 192 5.84 -1.22 -7.95
CA ILE A 192 5.86 -2.50 -7.20
C ILE A 192 6.13 -3.71 -8.11
N ARG A 193 5.94 -3.53 -9.42
CA ARG A 193 6.14 -4.62 -10.38
C ARG A 193 7.64 -4.93 -10.51
N LYS A 194 8.46 -3.95 -10.16
CA LYS A 194 9.89 -3.91 -10.46
C LYS A 194 10.80 -4.46 -9.35
N LEU A 195 10.21 -4.88 -8.24
CA LEU A 195 10.97 -5.36 -7.09
C LEU A 195 11.75 -6.65 -7.37
#